data_2ZHF
#
_entry.id   2ZHF
#
_cell.length_a   70.4
_cell.length_b   71.2
_cell.length_c   72.2
_cell.angle_alpha   90.0
_cell.angle_beta   100.3
_cell.angle_gamma   90.0
#
_symmetry.space_group_name_H-M   'C 1 2 1'
#
loop_
_entity.id
_entity.type
_entity.pdbx_description
1 polymer 'Thrombin light chain'
2 polymer 'Thrombin heavy chain'
3 polymer 'Hirudin variant-2'
4 non-polymer 'SODIUM ION'
5 non-polymer (S)-N-(4-carbamimidoylbenzyl)-1-(3-cyclopentylpropanoyl)pyrrolidine-2-carboxamide
6 non-polymer GLYCEROL
7 water water
#
loop_
_entity_poly.entity_id
_entity_poly.type
_entity_poly.pdbx_seq_one_letter_code
_entity_poly.pdbx_strand_id
1 'polypeptide(L)' TFGSGEADCGLRPLFEKKSLEDKTERELLESYIDGR L
2 'polypeptide(L)'
;IVEGSDAEIGMSPWQVMLFRKSPQELLCGASLISDRWVLTAAHCLLYPPWDKNFTENDLLVRIGKHSRTRYERNIEKISM
LEKIYIHPRYNWRENLDRDIALMKLKKPVAFSDYIHPVCLPDRETAASLLQAGYKGRVTGWGNLKETWTANVGKGQPSVL
QVVNLPIVERPVCKDSTRIRITDNMFCAGYKPDEGKRGDACEGDSGGPFVMKSPFNNRWYQMGIVSWGEGCDRDGKYGFY
THVFRLKKWIQKVIDQFGE
;
H
3 'polypeptide(L)' NGDFEEIPEE(TYS)L I
#
loop_
_chem_comp.id
_chem_comp.type
_chem_comp.name
_chem_comp.formula
49U non-polymer (S)-N-(4-carbamimidoylbenzyl)-1-(3-cyclopentylpropanoyl)pyrrolidine-2-carboxamide 'C21 H30 N4 O2'
GOL non-polymer GLYCEROL 'C3 H8 O3'
NA non-polymer 'SODIUM ION' 'Na 1'
#
# COMPACT_ATOMS: atom_id res chain seq x y z
N ALA A 7 -7.94 -14.17 -8.86
CA ALA A 7 -9.02 -15.03 -9.35
C ALA A 7 -10.38 -14.55 -8.82
N ASP A 8 -10.46 -14.48 -7.50
CA ASP A 8 -11.55 -13.76 -6.84
C ASP A 8 -10.99 -12.49 -6.23
N CYS A 9 -9.76 -12.20 -6.68
CA CYS A 9 -9.05 -11.03 -6.17
C CYS A 9 -9.82 -9.77 -6.44
N GLY A 10 -9.63 -8.74 -5.63
CA GLY A 10 -10.07 -7.40 -6.00
C GLY A 10 -11.55 -7.18 -5.83
N LEU A 11 -12.26 -8.20 -5.35
CA LEU A 11 -13.68 -8.11 -5.09
C LEU A 11 -13.95 -8.21 -3.60
N ARG A 12 -14.36 -7.10 -3.02
CA ARG A 12 -14.53 -7.05 -1.58
C ARG A 12 -15.80 -7.70 -1.11
N PRO A 13 -15.66 -8.61 -0.16
CA PRO A 13 -16.87 -9.21 0.45
C PRO A 13 -17.89 -8.19 0.87
N LEU A 14 -17.44 -7.07 1.44
CA LEU A 14 -18.48 -6.18 1.98
C LEU A 14 -18.94 -5.16 0.96
N PHE A 15 -18.38 -5.17 -0.26
CA PHE A 15 -18.84 -4.16 -1.22
C PHE A 15 -19.16 -4.84 -2.53
N GLU A 16 -18.18 -5.11 -3.39
CA GLU A 16 -18.50 -5.72 -4.69
C GLU A 16 -19.33 -6.99 -4.56
N LYS A 17 -19.01 -7.84 -3.59
CA LYS A 17 -19.64 -9.16 -3.59
C LYS A 17 -21.12 -9.04 -3.21
N LYS A 18 -21.51 -7.96 -2.57
CA LYS A 18 -22.83 -7.57 -2.13
C LYS A 18 -23.49 -6.50 -2.99
N SER A 19 -22.78 -6.09 -4.01
CA SER A 19 -23.18 -4.97 -4.86
C SER A 19 -23.43 -3.71 -4.04
N LEU A 20 -22.59 -3.51 -3.02
CA LEU A 20 -22.68 -2.20 -2.37
C LEU A 20 -21.49 -1.35 -2.79
N GLU A 21 -21.67 -0.04 -2.90
CA GLU A 21 -20.57 0.84 -3.23
C GLU A 21 -20.10 1.55 -1.96
N ASP A 22 -18.80 1.78 -1.86
CA ASP A 22 -18.27 2.63 -0.79
C ASP A 22 -18.53 4.08 -1.18
N LYS A 23 -18.42 4.96 -0.20
CA LYS A 23 -18.76 6.36 -0.33
C LYS A 23 -17.89 7.16 -1.28
N THR A 24 -16.73 6.71 -1.76
CA THR A 24 -15.96 7.60 -2.64
C THR A 24 -15.43 6.87 -3.88
N GLU A 25 -15.79 5.60 -4.07
CA GLU A 25 -15.29 4.90 -5.27
C GLU A 25 -15.79 5.55 -6.55
N ARG A 26 -16.96 6.20 -6.49
CA ARG A 26 -17.42 6.87 -7.69
C ARG A 26 -16.48 8.00 -8.12
N GLU A 27 -15.82 8.63 -7.16
CA GLU A 27 -14.86 9.67 -7.57
C GLU A 27 -13.75 9.11 -8.46
N LEU A 28 -13.39 7.83 -8.26
CA LEU A 28 -12.38 7.17 -9.08
C LEU A 28 -12.93 6.92 -10.48
N LEU A 29 -14.08 6.28 -10.56
CA LEU A 29 -14.74 6.04 -11.85
C LEU A 29 -14.83 7.32 -12.67
N GLU A 30 -15.25 8.39 -11.99
CA GLU A 30 -15.52 9.59 -12.79
C GLU A 30 -14.25 10.18 -13.35
N SER A 31 -13.09 9.80 -12.82
CA SER A 31 -11.81 10.31 -13.30
C SER A 31 -11.32 9.47 -14.47
N TYR A 32 -12.00 8.34 -14.71
CA TYR A 32 -11.50 7.39 -15.72
C TYR A 32 -12.05 7.79 -17.08
N ILE A 33 -11.44 8.85 -17.53
CA ILE A 33 -11.40 9.64 -18.73
C ILE A 33 -12.01 11.03 -18.46
N ILE B 1 -1.63 9.07 6.58
CA ILE B 1 -2.31 9.75 5.49
C ILE B 1 -2.74 11.14 5.91
N VAL B 2 -2.46 12.15 5.09
CA VAL B 2 -2.93 13.48 5.52
C VAL B 2 -4.03 13.98 4.57
N GLU B 3 -5.04 14.55 5.21
CA GLU B 3 -6.21 15.13 4.58
C GLU B 3 -7.03 14.02 3.93
N GLY B 4 -7.04 12.88 4.61
CA GLY B 4 -7.76 11.70 4.21
C GLY B 4 -9.02 11.59 5.06
N SER B 5 -9.73 10.47 5.00
CA SER B 5 -10.90 10.25 5.84
C SER B 5 -10.80 8.88 6.50
N ASP B 6 -11.63 8.62 7.50
CA ASP B 6 -11.60 7.25 8.02
C ASP B 6 -12.10 6.33 6.91
N ALA B 7 -11.49 5.16 6.82
CA ALA B 7 -11.90 4.04 6.03
C ALA B 7 -13.26 3.51 6.48
N GLU B 8 -14.02 2.97 5.53
CA GLU B 8 -15.22 2.23 5.88
C GLU B 8 -14.76 0.84 6.30
N ILE B 9 -15.59 0.17 7.09
CA ILE B 9 -15.31 -1.21 7.43
C ILE B 9 -15.29 -2.11 6.19
N GLY B 10 -14.23 -2.90 6.03
CA GLY B 10 -14.12 -3.75 4.86
C GLY B 10 -13.73 -3.08 3.56
N MET B 11 -13.40 -1.80 3.58
CA MET B 11 -13.13 -1.00 2.38
C MET B 11 -11.81 -1.34 1.72
N SER B 12 -10.87 -1.82 2.51
N SER B 12 -10.88 -1.85 2.52
CA SER B 12 -9.53 -2.21 2.09
CA SER B 12 -9.55 -2.23 2.06
C SER B 12 -9.08 -3.52 2.72
C SER B 12 -9.05 -3.52 2.69
N PRO B 13 -9.73 -4.61 2.35
CA PRO B 13 -9.50 -5.90 3.00
C PRO B 13 -8.15 -6.55 2.69
N TRP B 14 -7.42 -6.02 1.72
CA TRP B 14 -6.06 -6.39 1.39
C TRP B 14 -5.06 -5.60 2.24
N GLN B 15 -5.54 -4.64 3.02
CA GLN B 15 -4.61 -3.80 3.79
C GLN B 15 -3.88 -4.60 4.85
N VAL B 16 -2.56 -4.43 4.89
CA VAL B 16 -1.79 -5.20 5.88
C VAL B 16 -1.00 -4.26 6.77
N MET B 17 -0.86 -4.57 8.05
CA MET B 17 0.03 -3.80 8.93
C MET B 17 1.28 -4.62 9.22
N LEU B 18 2.44 -4.03 8.94
CA LEU B 18 3.73 -4.55 9.35
C LEU B 18 3.95 -4.01 10.78
N PHE B 19 4.19 -4.97 11.65
CA PHE B 19 4.21 -4.72 13.09
C PHE B 19 5.50 -5.18 13.72
N ARG B 20 6.22 -4.27 14.36
CA ARG B 20 7.44 -4.66 15.08
C ARG B 20 7.04 -5.33 16.39
N LYS B 21 7.68 -6.45 16.70
CA LYS B 21 7.42 -7.23 17.89
C LYS B 21 7.87 -6.56 19.19
N SER B 22 9.02 -5.90 19.10
CA SER B 22 9.66 -5.31 20.27
C SER B 22 10.58 -4.14 19.90
N PRO B 23 10.28 -2.91 20.28
CA PRO B 23 9.05 -2.50 20.94
C PRO B 23 7.88 -2.55 19.94
N GLN B 24 6.78 -3.14 20.40
CA GLN B 24 5.55 -3.30 19.62
C GLN B 24 5.16 -1.94 19.04
N GLU B 25 5.26 -1.79 17.72
CA GLU B 25 4.95 -0.53 17.04
C GLU B 25 4.60 -0.77 15.57
N LEU B 26 3.89 0.18 14.97
CA LEU B 26 3.66 0.12 13.52
C LEU B 26 4.99 0.29 12.81
N LEU B 27 5.23 -0.55 11.80
CA LEU B 27 6.43 -0.37 11.00
C LEU B 27 6.13 0.20 9.62
N CYS B 28 5.05 -0.26 8.98
CA CYS B 28 4.76 0.19 7.63
C CYS B 28 3.39 -0.36 7.23
N GLY B 29 2.98 -0.02 6.03
CA GLY B 29 1.82 -0.60 5.35
C GLY B 29 2.32 -1.77 4.50
N ALA B 30 1.41 -2.50 3.88
CA ALA B 30 1.63 -3.64 3.05
C ALA B 30 0.29 -4.12 2.50
N SER B 31 0.34 -5.08 1.58
CA SER B 31 -0.88 -5.61 1.01
C SER B 31 -0.89 -7.13 0.85
N LEU B 32 -2.10 -7.70 0.96
CA LEU B 32 -2.29 -9.13 0.74
C LEU B 32 -2.60 -9.41 -0.71
N ILE B 33 -1.72 -10.20 -1.34
CA ILE B 33 -1.92 -10.51 -2.75
C ILE B 33 -2.27 -11.98 -2.96
N SER B 34 -2.16 -12.78 -1.91
CA SER B 34 -2.65 -14.15 -1.93
C SER B 34 -2.80 -14.65 -0.49
N ASP B 35 -3.17 -15.91 -0.31
CA ASP B 35 -3.37 -16.34 1.08
C ASP B 35 -2.05 -16.51 1.80
N ARG B 36 -0.89 -16.54 1.12
CA ARG B 36 0.34 -16.46 1.91
C ARG B 36 1.38 -15.47 1.38
N TRP B 37 1.03 -14.51 0.54
CA TRP B 37 2.02 -13.52 0.11
C TRP B 37 1.60 -12.08 0.39
N VAL B 38 2.50 -11.28 0.94
CA VAL B 38 2.28 -9.90 1.32
C VAL B 38 3.28 -9.04 0.54
N LEU B 39 2.77 -7.97 -0.05
CA LEU B 39 3.61 -7.07 -0.85
C LEU B 39 3.89 -5.83 -0.03
N THR B 40 5.15 -5.36 -0.12
CA THR B 40 5.47 -4.14 0.61
C THR B 40 6.61 -3.39 -0.08
N ALA B 41 7.02 -2.29 0.53
CA ALA B 41 8.15 -1.53 0.05
C ALA B 41 9.45 -2.12 0.60
N ALA B 42 10.44 -2.26 -0.27
CA ALA B 42 11.75 -2.74 0.17
C ALA B 42 12.26 -1.88 1.33
N HIS B 43 12.05 -0.57 1.26
CA HIS B 43 12.63 0.32 2.25
C HIS B 43 12.03 0.05 3.63
N CYS B 44 10.89 -0.63 3.73
CA CYS B 44 10.23 -0.94 4.98
C CYS B 44 11.02 -1.95 5.79
N LEU B 45 11.80 -2.74 5.07
CA LEU B 45 12.59 -3.80 5.64
C LEU B 45 14.08 -3.50 5.63
N LEU B 46 14.57 -2.81 4.61
CA LEU B 46 16.00 -2.60 4.43
C LEU B 46 16.32 -1.18 4.01
N TYR B 47 17.03 -0.46 4.89
CA TYR B 47 17.44 0.91 4.59
C TYR B 47 18.64 1.30 5.44
N PRO B 48 19.81 0.83 4.99
CA PRO B 48 21.08 1.02 5.67
C PRO B 48 21.40 2.43 6.12
N PRO B 49 21.10 3.48 5.38
CA PRO B 49 21.35 4.82 5.92
C PRO B 49 20.70 5.08 7.28
N TRP B 50 19.65 4.36 7.60
CA TRP B 50 18.95 4.56 8.87
C TRP B 50 19.15 3.34 9.76
N ASP B 51 20.17 2.56 9.40
CA ASP B 51 20.45 1.30 10.08
C ASP B 51 19.18 0.46 10.21
N LYS B 52 18.49 0.28 9.08
CA LYS B 52 17.34 -0.62 9.11
C LYS B 52 17.63 -1.84 8.23
N ASN B 53 17.51 -3.01 8.86
CA ASN B 53 17.66 -4.29 8.20
C ASN B 53 16.93 -5.40 8.94
N PHE B 54 15.59 -5.40 8.92
CA PHE B 54 14.81 -6.40 9.64
C PHE B 54 14.90 -7.80 9.03
N THR B 55 14.94 -8.77 9.94
CA THR B 55 14.84 -10.19 9.68
C THR B 55 13.41 -10.64 9.97
N GLU B 56 13.00 -11.71 9.32
CA GLU B 56 11.72 -12.37 9.46
C GLU B 56 11.24 -12.33 10.90
N ASN B 57 12.12 -12.91 11.73
CA ASN B 57 11.80 -13.09 13.14
C ASN B 57 11.62 -11.80 13.89
N ASP B 58 11.92 -10.64 13.27
CA ASP B 58 11.65 -9.39 13.97
C ASP B 58 10.20 -8.93 13.72
N LEU B 59 9.54 -9.59 12.79
CA LEU B 59 8.27 -9.06 12.28
C LEU B 59 7.04 -9.94 12.48
N LEU B 60 5.88 -9.30 12.51
CA LEU B 60 4.55 -9.88 12.43
C LEU B 60 3.69 -9.22 11.35
N VAL B 61 2.88 -9.99 10.65
CA VAL B 61 1.89 -9.49 9.68
C VAL B 61 0.50 -9.47 10.31
N ARG B 62 -0.12 -8.32 10.51
CA ARG B 62 -1.48 -8.16 11.02
C ARG B 62 -2.46 -7.80 9.90
N ILE B 63 -3.38 -8.72 9.63
CA ILE B 63 -4.33 -8.57 8.53
C ILE B 63 -5.75 -8.44 9.05
N GLY B 64 -6.60 -7.76 8.29
CA GLY B 64 -7.97 -7.45 8.57
C GLY B 64 -8.17 -6.34 9.56
N LYS B 65 -7.18 -5.43 9.70
CA LYS B 65 -7.33 -4.45 10.78
C LYS B 65 -8.07 -3.21 10.34
N HIS B 66 -8.63 -2.50 11.33
CA HIS B 66 -9.25 -1.19 11.08
C HIS B 66 -8.60 -0.19 12.01
N SER B 67 -8.70 -0.57 13.29
CA SER B 67 -8.04 0.15 14.35
C SER B 67 -6.52 0.01 14.26
N ARG B 68 -5.84 1.11 14.49
CA ARG B 68 -4.39 1.15 14.47
C ARG B 68 -3.77 0.46 15.69
N THR B 69 -4.16 0.94 16.87
CA THR B 69 -3.53 0.41 18.10
C THR B 69 -4.24 -0.80 18.68
N ARG B 70 -5.51 -0.99 18.35
CA ARG B 70 -6.26 -2.05 19.04
C ARG B 70 -5.97 -3.46 18.58
N TYR B 71 -6.02 -4.43 19.50
CA TYR B 71 -6.01 -5.84 19.13
C TYR B 71 -7.42 -6.27 18.74
N GLU B 72 -7.66 -6.48 17.43
CA GLU B 72 -9.05 -6.63 16.99
C GLU B 72 -9.53 -8.07 17.01
N ARG B 73 -9.88 -8.48 18.24
CA ARG B 73 -10.34 -9.82 18.61
C ARG B 73 -11.46 -10.32 17.68
N ASN B 74 -11.26 -11.50 17.14
CA ASN B 74 -12.11 -12.21 16.22
C ASN B 74 -12.14 -11.63 14.82
N ILE B 75 -11.30 -10.64 14.52
CA ILE B 75 -11.38 -9.99 13.21
C ILE B 75 -10.02 -9.97 12.53
N GLU B 76 -9.10 -9.25 13.17
CA GLU B 76 -7.73 -9.29 12.63
C GLU B 76 -7.18 -10.70 12.75
N LYS B 77 -6.27 -11.01 11.84
CA LYS B 77 -5.44 -12.20 11.90
C LYS B 77 -3.98 -11.73 11.97
N ILE B 78 -3.17 -12.44 12.72
CA ILE B 78 -1.75 -12.06 12.86
C ILE B 78 -0.84 -13.18 12.40
N SER B 79 0.09 -12.87 11.51
CA SER B 79 0.92 -13.95 10.96
C SER B 79 2.42 -13.67 11.12
N MET B 80 3.11 -14.80 11.14
CA MET B 80 4.57 -14.83 11.21
C MET B 80 5.15 -14.95 9.82
N LEU B 81 6.35 -14.40 9.65
CA LEU B 81 7.07 -14.52 8.40
C LEU B 81 7.92 -15.77 8.27
N GLU B 82 7.81 -16.45 7.13
CA GLU B 82 8.68 -17.52 6.70
C GLU B 82 9.87 -17.00 5.89
N LYS B 83 9.65 -15.93 5.12
CA LYS B 83 10.78 -15.47 4.30
C LYS B 83 10.48 -14.13 3.63
N ILE B 84 11.46 -13.24 3.72
CA ILE B 84 11.50 -11.93 3.11
C ILE B 84 12.25 -12.01 1.78
N TYR B 85 11.72 -11.38 0.75
CA TYR B 85 12.37 -11.31 -0.55
C TYR B 85 12.44 -9.84 -1.00
N ILE B 86 13.66 -9.33 -1.11
CA ILE B 86 13.87 -7.95 -1.56
C ILE B 86 14.36 -7.96 -3.00
N HIS B 87 13.85 -7.05 -3.80
CA HIS B 87 14.28 -6.86 -5.18
C HIS B 87 15.80 -6.76 -5.28
N PRO B 88 16.49 -7.61 -6.03
CA PRO B 88 17.96 -7.67 -6.11
C PRO B 88 18.63 -6.40 -6.62
N ARG B 89 17.99 -5.59 -7.43
CA ARG B 89 18.31 -4.23 -7.80
C ARG B 89 17.56 -3.12 -7.07
N TYR B 90 16.99 -3.30 -5.88
CA TYR B 90 16.46 -2.17 -5.10
C TYR B 90 17.54 -1.13 -4.85
N ASN B 91 17.34 0.11 -5.27
CA ASN B 91 18.35 1.16 -5.14
C ASN B 91 18.18 2.04 -3.90
N TRP B 92 18.63 1.52 -2.76
CA TRP B 92 18.57 2.24 -1.50
C TRP B 92 19.69 3.28 -1.41
N ARG B 93 20.70 3.13 -2.26
CA ARG B 93 21.84 4.05 -2.17
C ARG B 93 21.43 5.42 -2.70
N GLU B 94 20.55 5.36 -3.70
CA GLU B 94 20.25 6.62 -4.38
C GLU B 94 18.79 7.01 -4.30
N ASN B 95 17.89 6.33 -5.01
CA ASN B 95 16.58 6.97 -5.15
C ASN B 95 15.40 6.07 -4.81
N LEU B 96 15.65 4.90 -4.23
CA LEU B 96 14.58 3.95 -3.91
C LEU B 96 13.96 3.35 -5.16
N ASP B 97 14.72 3.40 -6.25
CA ASP B 97 14.33 2.67 -7.46
C ASP B 97 14.05 1.20 -7.11
N ARG B 98 13.01 0.62 -7.68
N ARG B 98 13.00 0.66 -7.70
CA ARG B 98 12.65 -0.78 -7.42
CA ARG B 98 12.51 -0.69 -7.52
C ARG B 98 12.41 -0.97 -5.93
C ARG B 98 12.31 -0.98 -6.04
N ASP B 99 11.58 -0.09 -5.38
CA ASP B 99 11.28 -0.13 -3.95
C ASP B 99 10.15 -1.12 -3.70
N ILE B 100 10.47 -2.40 -3.72
CA ILE B 100 9.46 -3.44 -3.61
C ILE B 100 10.04 -4.68 -2.93
N ALA B 101 9.20 -5.35 -2.15
CA ALA B 101 9.65 -6.62 -1.55
C ALA B 101 8.46 -7.54 -1.34
N LEU B 102 8.75 -8.83 -1.29
CA LEU B 102 7.73 -9.79 -0.90
C LEU B 102 8.04 -10.45 0.44
N MET B 103 6.97 -10.83 1.12
CA MET B 103 6.99 -11.59 2.37
C MET B 103 6.13 -12.84 2.22
N LYS B 104 6.71 -14.02 2.41
CA LYS B 104 5.94 -15.26 2.41
C LYS B 104 5.50 -15.56 3.84
N LEU B 105 4.25 -15.93 4.04
CA LEU B 105 3.71 -16.21 5.38
C LEU B 105 3.95 -17.66 5.80
N LYS B 106 4.19 -17.87 7.09
CA LYS B 106 4.37 -19.25 7.58
C LYS B 106 3.17 -20.15 7.30
N LYS B 107 1.98 -19.59 7.47
CA LYS B 107 0.76 -20.32 7.18
C LYS B 107 -0.19 -19.39 6.43
N PRO B 108 -1.02 -19.96 5.58
CA PRO B 108 -1.99 -19.16 4.82
C PRO B 108 -2.96 -18.48 5.78
N VAL B 109 -3.39 -17.27 5.44
CA VAL B 109 -4.39 -16.61 6.28
C VAL B 109 -5.79 -16.96 5.77
N ALA B 110 -6.73 -16.93 6.71
CA ALA B 110 -8.11 -17.25 6.36
C ALA B 110 -8.81 -15.99 5.83
N PHE B 111 -9.32 -16.10 4.60
CA PHE B 111 -10.10 -14.96 4.09
C PHE B 111 -11.39 -14.86 4.89
N SER B 112 -11.95 -13.67 4.90
CA SER B 112 -13.10 -13.31 5.71
C SER B 112 -13.72 -12.04 5.14
N ASP B 113 -14.72 -11.49 5.81
CA ASP B 113 -15.21 -10.24 5.25
C ASP B 113 -14.14 -9.15 5.33
N TYR B 114 -13.15 -9.30 6.18
CA TYR B 114 -12.21 -8.21 6.45
C TYR B 114 -10.84 -8.45 5.82
N ILE B 115 -10.66 -9.63 5.25
CA ILE B 115 -9.42 -10.17 4.72
C ILE B 115 -9.62 -10.82 3.35
N HIS B 116 -9.00 -10.21 2.34
CA HIS B 116 -9.20 -10.55 0.95
C HIS B 116 -8.09 -9.91 0.12
N PRO B 117 -7.55 -10.69 -0.79
CA PRO B 117 -6.44 -10.23 -1.64
C PRO B 117 -6.89 -9.28 -2.74
N VAL B 118 -6.00 -8.36 -3.06
CA VAL B 118 -6.13 -7.40 -4.14
C VAL B 118 -5.57 -8.04 -5.40
N CYS B 119 -6.00 -7.61 -6.59
CA CYS B 119 -5.35 -8.09 -7.79
C CYS B 119 -4.05 -7.35 -8.11
N LEU B 120 -3.17 -7.98 -8.85
CA LEU B 120 -2.00 -7.30 -9.44
C LEU B 120 -2.24 -7.12 -10.93
N PRO B 121 -1.91 -5.94 -11.45
CA PRO B 121 -2.33 -5.63 -12.81
C PRO B 121 -1.59 -6.47 -13.84
N ASP B 122 -2.22 -6.64 -14.99
CA ASP B 122 -1.66 -7.15 -16.22
C ASP B 122 -1.35 -5.95 -17.11
N ARG B 123 -0.62 -6.14 -18.21
CA ARG B 123 -0.18 -5.02 -19.05
C ARG B 123 -1.32 -4.12 -19.51
N GLU B 124 -2.46 -4.72 -19.84
CA GLU B 124 -3.57 -3.97 -20.43
C GLU B 124 -4.25 -3.12 -19.38
N THR B 125 -4.42 -3.71 -18.19
CA THR B 125 -5.01 -2.90 -17.13
C THR B 125 -4.09 -1.73 -16.80
N ALA B 126 -2.79 -2.00 -16.70
CA ALA B 126 -1.86 -0.91 -16.44
C ALA B 126 -1.91 0.13 -17.53
N ALA B 127 -1.89 -0.34 -18.78
CA ALA B 127 -1.86 0.67 -19.84
C ALA B 127 -3.16 1.47 -19.84
N SER B 128 -4.26 0.80 -19.51
CA SER B 128 -5.55 1.46 -19.50
C SER B 128 -5.76 2.45 -18.36
N LEU B 129 -5.17 2.19 -17.19
CA LEU B 129 -5.49 3.02 -16.02
C LEU B 129 -4.39 3.91 -15.52
N LEU B 130 -3.14 3.66 -15.92
CA LEU B 130 -2.06 4.50 -15.41
C LEU B 130 -1.87 5.69 -16.36
N GLN B 131 -2.76 6.64 -16.24
CA GLN B 131 -2.92 7.86 -16.99
C GLN B 131 -3.03 9.07 -16.06
N ALA B 132 -2.29 10.14 -16.36
CA ALA B 132 -2.41 11.40 -15.67
C ALA B 132 -3.87 11.79 -15.52
N GLY B 133 -4.33 12.20 -14.35
CA GLY B 133 -5.73 12.54 -14.20
C GLY B 133 -6.55 11.43 -13.59
N TYR B 134 -6.22 10.18 -13.94
CA TYR B 134 -6.98 9.08 -13.33
C TYR B 134 -6.66 9.00 -11.84
N LYS B 135 -7.66 8.83 -10.99
CA LYS B 135 -7.42 8.76 -9.55
C LYS B 135 -7.19 7.31 -9.10
N GLY B 136 -6.33 7.21 -8.10
CA GLY B 136 -6.12 5.98 -7.37
C GLY B 136 -6.45 6.27 -5.90
N ARG B 137 -6.33 5.26 -5.07
CA ARG B 137 -6.70 5.31 -3.66
C ARG B 137 -5.57 4.81 -2.76
N VAL B 138 -5.22 5.63 -1.78
CA VAL B 138 -4.08 5.23 -0.94
C VAL B 138 -4.54 5.04 0.49
N THR B 139 -4.10 3.99 1.18
CA THR B 139 -4.64 3.76 2.51
C THR B 139 -3.52 3.53 3.52
N GLY B 140 -3.70 4.01 4.75
CA GLY B 140 -2.70 3.66 5.75
C GLY B 140 -3.00 4.25 7.13
N TRP B 141 -2.19 3.84 8.09
CA TRP B 141 -2.21 4.20 9.49
C TRP B 141 -1.09 5.17 9.88
N GLY B 142 -0.48 5.75 8.86
CA GLY B 142 0.57 6.73 9.09
C GLY B 142 0.06 8.05 9.62
N ASN B 143 1.04 8.93 9.79
CA ASN B 143 0.81 10.24 10.37
C ASN B 143 -0.21 11.02 9.55
N LEU B 144 -0.97 11.84 10.26
CA LEU B 144 -2.00 12.69 9.68
C LEU B 144 -1.50 14.06 9.29
N LYS B 145 -0.30 14.36 9.77
CA LYS B 145 0.32 15.67 9.57
C LYS B 145 1.82 15.45 9.38
N GLU B 146 2.45 16.35 8.63
CA GLU B 146 3.88 16.22 8.38
C GLU B 146 4.67 16.38 9.67
N GLY B 155 -2.08 14.11 14.69
CA GLY B 155 -0.90 13.28 14.88
C GLY B 155 -1.01 11.92 14.22
N GLN B 156 -1.42 10.90 14.98
CA GLN B 156 -1.69 9.57 14.48
C GLN B 156 -3.20 9.28 14.45
N PRO B 157 -3.65 8.46 13.51
CA PRO B 157 -5.08 8.17 13.43
C PRO B 157 -5.54 7.08 14.37
N SER B 158 -6.81 7.15 14.76
CA SER B 158 -7.44 6.05 15.47
C SER B 158 -7.76 4.86 14.58
N VAL B 159 -8.17 5.11 13.33
CA VAL B 159 -8.40 3.98 12.44
C VAL B 159 -7.76 4.20 11.09
N LEU B 160 -7.72 3.17 10.26
CA LEU B 160 -7.25 3.27 8.89
C LEU B 160 -7.78 4.48 8.14
N GLN B 161 -6.88 5.18 7.45
CA GLN B 161 -7.25 6.36 6.68
C GLN B 161 -7.22 6.02 5.18
N VAL B 162 -7.98 6.77 4.41
CA VAL B 162 -8.15 6.60 2.97
C VAL B 162 -8.04 7.94 2.25
N VAL B 163 -7.39 7.98 1.10
CA VAL B 163 -7.43 9.20 0.29
C VAL B 163 -7.33 8.85 -1.19
N ASN B 164 -8.10 9.53 -2.02
CA ASN B 164 -8.07 9.35 -3.46
C ASN B 164 -7.26 10.46 -4.12
N LEU B 165 -6.36 10.08 -5.02
CA LEU B 165 -5.39 11.02 -5.59
C LEU B 165 -5.15 10.78 -7.07
N PRO B 166 -5.10 11.87 -7.82
CA PRO B 166 -4.86 11.80 -9.25
C PRO B 166 -3.42 11.49 -9.61
N ILE B 167 -3.26 10.55 -10.54
CA ILE B 167 -1.92 10.32 -11.10
C ILE B 167 -1.47 11.59 -11.83
N VAL B 168 -0.19 11.89 -11.73
CA VAL B 168 0.35 13.14 -12.28
C VAL B 168 1.28 12.89 -13.46
N GLU B 169 1.27 13.84 -14.41
CA GLU B 169 2.06 13.68 -15.63
C GLU B 169 3.53 13.57 -15.26
N ARG B 170 4.28 12.70 -15.93
CA ARG B 170 5.67 12.45 -15.61
C ARG B 170 6.55 13.70 -15.62
N PRO B 171 6.45 14.59 -16.58
CA PRO B 171 7.23 15.84 -16.49
C PRO B 171 6.92 16.65 -15.24
N VAL B 172 5.67 16.75 -14.81
CA VAL B 172 5.37 17.47 -13.57
C VAL B 172 5.98 16.72 -12.40
N CYS B 173 5.92 15.40 -12.35
CA CYS B 173 6.62 14.65 -11.30
C CYS B 173 8.09 15.04 -11.18
N LYS B 174 8.78 14.97 -12.31
CA LYS B 174 10.21 15.18 -12.46
C LYS B 174 10.63 16.60 -12.09
N ASP B 175 9.86 17.58 -12.56
CA ASP B 175 10.12 18.98 -12.28
C ASP B 175 9.78 19.37 -10.85
N SER B 176 9.14 18.48 -10.09
CA SER B 176 8.81 18.81 -8.71
C SER B 176 9.94 18.46 -7.74
N THR B 177 10.97 17.75 -8.19
CA THR B 177 11.98 17.26 -7.25
C THR B 177 13.38 17.32 -7.85
N ARG B 178 14.37 17.25 -6.98
CA ARG B 178 15.75 17.15 -7.43
C ARG B 178 16.14 15.69 -7.57
N ILE B 179 15.33 14.78 -7.04
CA ILE B 179 15.65 13.36 -7.20
C ILE B 179 15.49 12.89 -8.62
N ARG B 180 16.31 11.89 -9.00
CA ARG B 180 16.17 11.30 -10.33
C ARG B 180 15.07 10.24 -10.28
N ILE B 181 13.98 10.53 -10.95
CA ILE B 181 12.78 9.71 -11.14
C ILE B 181 13.01 8.66 -12.22
N THR B 182 12.59 7.42 -12.00
CA THR B 182 12.70 6.33 -12.95
C THR B 182 11.35 5.82 -13.43
N ASP B 183 11.39 4.99 -14.46
CA ASP B 183 10.21 4.40 -15.08
C ASP B 183 9.54 3.41 -14.14
N ASN B 184 10.23 3.06 -13.07
CA ASN B 184 9.76 2.18 -12.00
C ASN B 184 9.00 2.96 -10.93
N MET B 185 8.81 4.25 -11.16
CA MET B 185 8.09 5.09 -10.23
C MET B 185 7.03 5.90 -10.99
N PHE B 186 5.97 6.22 -10.25
CA PHE B 186 5.02 7.23 -10.71
C PHE B 186 4.69 8.13 -9.51
N CYS B 187 4.14 9.31 -9.77
CA CYS B 187 3.80 10.21 -8.68
C CYS B 187 2.31 10.53 -8.75
N ALA B 188 1.74 10.90 -7.60
CA ALA B 188 0.32 11.21 -7.57
C ALA B 188 0.05 12.29 -6.53
N GLY B 189 -1.06 12.99 -6.75
CA GLY B 189 -1.44 14.06 -5.84
C GLY B 189 -1.99 15.23 -6.62
N TYR B 190 -2.63 16.13 -5.88
CA TYR B 190 -3.21 17.32 -6.50
C TYR B 190 -2.16 18.41 -6.64
N LYS B 191 -2.33 19.23 -7.67
CA LYS B 191 -1.43 20.37 -7.86
C LYS B 191 -1.89 21.52 -6.97
N PRO B 192 -1.03 22.50 -6.74
CA PRO B 192 -1.42 23.61 -5.87
C PRO B 192 -2.71 24.29 -6.36
N ASP B 193 -2.83 24.47 -7.67
CA ASP B 193 -3.96 25.18 -8.26
C ASP B 193 -5.25 24.36 -8.36
N GLU B 194 -5.22 23.11 -7.91
CA GLU B 194 -6.35 22.21 -8.00
C GLU B 194 -7.24 22.27 -6.77
N GLY B 195 -6.85 23.02 -5.74
CA GLY B 195 -7.68 23.23 -4.57
C GLY B 195 -7.65 22.11 -3.56
N LYS B 196 -8.02 20.91 -4.01
CA LYS B 196 -8.03 19.70 -3.20
C LYS B 196 -6.62 19.31 -2.78
N ARG B 197 -6.48 18.56 -1.69
CA ARG B 197 -5.12 18.10 -1.38
C ARG B 197 -5.17 16.69 -0.78
N GLY B 198 -4.12 16.24 -0.12
CA GLY B 198 -4.03 14.89 0.40
C GLY B 198 -2.74 14.18 0.06
N ASP B 199 -2.24 13.32 0.94
CA ASP B 199 -0.99 12.62 0.64
C ASP B 199 -0.84 11.47 1.61
N ALA B 200 0.07 10.57 1.24
CA ALA B 200 0.62 9.58 2.12
C ALA B 200 1.63 10.29 3.03
N CYS B 201 1.96 9.68 4.16
CA CYS B 201 2.99 10.25 5.03
C CYS B 201 3.77 9.12 5.69
N GLU B 202 4.67 9.46 6.60
CA GLU B 202 5.43 8.47 7.33
C GLU B 202 4.54 7.46 8.04
N GLY B 203 4.82 6.17 7.88
CA GLY B 203 3.99 5.12 8.41
C GLY B 203 3.16 4.41 7.33
N ASP B 204 2.80 5.15 6.29
CA ASP B 204 2.03 4.70 5.14
C ASP B 204 2.86 3.88 4.16
N SER B 205 4.18 4.04 4.22
CA SER B 205 5.14 3.28 3.45
C SER B 205 4.75 1.80 3.36
N GLY B 206 4.89 1.29 2.15
CA GLY B 206 4.67 -0.10 1.80
C GLY B 206 3.22 -0.45 1.56
N GLY B 207 2.33 0.52 1.82
CA GLY B 207 0.91 0.33 1.59
C GLY B 207 0.54 0.50 0.13
N PRO B 208 -0.69 0.13 -0.20
CA PRO B 208 -1.12 0.09 -1.60
C PRO B 208 -1.76 1.36 -2.12
N PHE B 209 -1.43 1.62 -3.38
CA PHE B 209 -2.14 2.55 -4.25
C PHE B 209 -2.99 1.71 -5.21
N VAL B 210 -4.30 1.71 -5.02
CA VAL B 210 -5.12 0.80 -5.82
C VAL B 210 -6.05 1.57 -6.75
N MET B 211 -6.51 0.91 -7.80
CA MET B 211 -7.48 1.55 -8.69
C MET B 211 -8.59 0.52 -8.95
N LYS B 212 -9.81 1.00 -9.13
CA LYS B 212 -10.91 0.07 -9.45
C LYS B 212 -11.18 0.06 -10.95
N SER B 213 -10.88 -1.09 -11.57
CA SER B 213 -11.01 -1.15 -13.03
C SER B 213 -12.47 -1.03 -13.45
N PRO B 214 -12.75 -0.12 -14.38
CA PRO B 214 -14.15 0.04 -14.83
C PRO B 214 -14.56 -1.03 -15.84
N PHE B 215 -13.60 -1.86 -16.22
CA PHE B 215 -13.81 -2.94 -17.19
C PHE B 215 -14.36 -4.17 -16.52
N ASN B 216 -13.84 -4.50 -15.32
CA ASN B 216 -14.44 -5.61 -14.62
C ASN B 216 -14.67 -5.41 -13.12
N ASN B 217 -14.66 -4.18 -12.66
CA ASN B 217 -15.04 -3.74 -11.33
C ASN B 217 -14.23 -4.42 -10.25
N ARG B 218 -12.99 -4.79 -10.60
CA ARG B 218 -12.08 -5.32 -9.61
C ARG B 218 -10.98 -4.32 -9.24
N TRP B 219 -10.50 -4.42 -8.01
CA TRP B 219 -9.45 -3.55 -7.52
C TRP B 219 -8.06 -4.10 -7.82
N TYR B 220 -7.24 -3.22 -8.33
CA TYR B 220 -5.90 -3.52 -8.75
C TYR B 220 -4.88 -2.67 -8.00
N GLN B 221 -3.81 -3.32 -7.56
CA GLN B 221 -2.78 -2.54 -6.89
C GLN B 221 -1.79 -2.01 -7.93
N MET B 222 -1.90 -0.73 -8.25
CA MET B 222 -0.98 -0.20 -9.24
C MET B 222 0.31 0.31 -8.61
N GLY B 223 0.32 0.74 -7.35
CA GLY B 223 1.56 1.24 -6.79
C GLY B 223 1.73 0.82 -5.33
N ILE B 224 2.91 1.14 -4.83
CA ILE B 224 3.29 0.93 -3.46
C ILE B 224 3.79 2.24 -2.88
N VAL B 225 3.32 2.63 -1.70
CA VAL B 225 3.82 3.87 -1.10
C VAL B 225 5.33 3.79 -0.90
N SER B 226 6.05 4.72 -1.52
CA SER B 226 7.52 4.63 -1.53
C SER B 226 8.21 5.82 -0.91
N TRP B 227 7.99 7.04 -1.37
CA TRP B 227 8.69 8.18 -0.81
C TRP B 227 8.04 9.50 -1.21
N GLY B 228 8.44 10.51 -0.45
CA GLY B 228 7.89 11.85 -0.64
C GLY B 228 8.80 12.84 0.07
N GLU B 229 8.68 14.11 -0.28
CA GLU B 229 9.41 15.22 0.30
C GLU B 229 8.46 16.01 1.20
N GLY B 230 8.55 15.65 2.48
CA GLY B 230 7.57 16.14 3.45
C GLY B 230 6.28 15.38 3.21
N CYS B 231 5.15 15.95 3.62
CA CYS B 231 3.90 15.24 3.35
C CYS B 231 2.85 16.33 3.06
N ASP B 232 2.15 16.16 1.97
CA ASP B 232 1.11 17.07 1.51
C ASP B 232 1.63 18.49 1.32
N ARG B 233 2.89 18.65 0.90
CA ARG B 233 3.33 20.01 0.59
C ARG B 233 2.84 20.45 -0.79
N ASP B 234 2.56 21.76 -0.90
CA ASP B 234 2.23 22.33 -2.19
C ASP B 234 3.40 22.16 -3.15
N GLY B 235 3.13 21.71 -4.37
CA GLY B 235 4.14 21.58 -5.39
C GLY B 235 4.96 20.30 -5.32
N LYS B 236 4.73 19.50 -4.29
CA LYS B 236 5.29 18.17 -4.08
C LYS B 236 4.24 17.07 -4.30
N TYR B 237 4.69 15.91 -4.75
CA TYR B 237 3.83 14.76 -4.99
C TYR B 237 4.34 13.50 -4.30
N GLY B 238 3.46 12.57 -3.99
CA GLY B 238 3.85 11.27 -3.46
C GLY B 238 4.36 10.41 -4.60
N PHE B 239 5.40 9.62 -4.30
CA PHE B 239 5.99 8.75 -5.30
C PHE B 239 5.70 7.31 -4.86
N TYR B 240 5.35 6.52 -5.84
CA TYR B 240 4.88 5.17 -5.74
C TYR B 240 5.70 4.25 -6.63
N THR B 241 6.04 3.07 -6.09
CA THR B 241 6.60 2.00 -6.88
C THR B 241 5.64 1.52 -7.95
N HIS B 242 6.09 1.42 -9.20
CA HIS B 242 5.22 0.96 -10.30
C HIS B 242 5.16 -0.56 -10.31
N VAL B 243 4.04 -1.10 -9.83
CA VAL B 243 3.99 -2.54 -9.58
C VAL B 243 4.03 -3.32 -10.88
N PHE B 244 3.30 -2.86 -11.89
CA PHE B 244 3.29 -3.63 -13.13
C PHE B 244 4.71 -3.73 -13.71
N ARG B 245 5.52 -2.69 -13.60
CA ARG B 245 6.85 -2.68 -14.17
C ARG B 245 7.77 -3.70 -13.48
N LEU B 246 7.40 -4.19 -12.30
CA LEU B 246 8.23 -5.14 -11.56
C LEU B 246 7.52 -6.48 -11.36
N LYS B 247 6.46 -6.73 -12.14
CA LYS B 247 5.65 -7.91 -11.96
C LYS B 247 6.38 -9.20 -12.33
N LYS B 248 7.32 -9.07 -13.24
CA LYS B 248 8.10 -10.24 -13.64
C LYS B 248 8.90 -10.75 -12.47
N TRP B 249 9.49 -9.82 -11.71
CA TRP B 249 10.24 -10.23 -10.53
C TRP B 249 9.30 -10.87 -9.52
N ILE B 250 8.12 -10.25 -9.37
CA ILE B 250 7.11 -10.75 -8.45
C ILE B 250 6.69 -12.19 -8.78
N GLN B 251 6.38 -12.38 -10.05
CA GLN B 251 5.89 -13.67 -10.53
C GLN B 251 6.95 -14.74 -10.36
N LYS B 252 8.15 -14.40 -10.85
CA LYS B 252 9.30 -15.26 -10.62
C LYS B 252 9.48 -15.61 -9.16
N VAL B 253 9.45 -14.63 -8.26
CA VAL B 253 9.65 -14.98 -6.86
C VAL B 253 8.59 -15.95 -6.36
N ILE B 254 7.36 -15.72 -6.80
CA ILE B 254 6.25 -16.54 -6.32
C ILE B 254 6.32 -17.88 -7.06
N ASP B 255 6.68 -17.84 -8.33
CA ASP B 255 6.83 -19.02 -9.16
C ASP B 255 7.96 -19.95 -8.70
N GLN B 256 8.91 -19.41 -7.95
CA GLN B 256 10.07 -20.16 -7.49
C GLN B 256 9.99 -20.56 -6.03
N PHE B 257 9.26 -19.82 -5.20
CA PHE B 257 9.32 -20.10 -3.77
C PHE B 257 7.97 -20.43 -3.15
N ASP C 3 1.68 2.39 23.40
CA ASP C 3 0.43 2.87 22.83
C ASP C 3 -0.40 1.80 22.13
N PHE C 4 0.17 0.63 21.86
CA PHE C 4 -0.53 -0.42 21.16
C PHE C 4 -1.07 -1.42 22.18
N GLU C 5 -2.35 -1.75 22.06
CA GLU C 5 -2.84 -2.86 22.85
C GLU C 5 -1.95 -4.06 22.55
N GLU C 6 -1.72 -4.89 23.57
CA GLU C 6 -0.82 -6.02 23.44
C GLU C 6 -1.54 -7.19 22.78
N ILE C 7 -0.76 -7.99 22.04
CA ILE C 7 -1.44 -9.06 21.31
C ILE C 7 -1.32 -10.35 22.10
N PRO C 8 -2.09 -11.37 21.74
CA PRO C 8 -1.90 -12.69 22.35
C PRO C 8 -0.42 -13.08 22.33
N GLU C 9 0.08 -13.41 23.51
CA GLU C 9 1.44 -13.85 23.74
C GLU C 9 1.86 -14.85 22.67
N GLU C 10 0.94 -15.74 22.34
CA GLU C 10 1.08 -16.77 21.34
C GLU C 10 1.64 -16.21 20.03
N TYS C 11 1.34 -14.96 19.72
CA TYS C 11 1.89 -14.35 18.45
CB TYS C 11 0.96 -13.20 18.00
CG TYS C 11 -0.42 -13.74 17.64
CD1 TYS C 11 -0.55 -14.81 16.72
CD2 TYS C 11 -1.56 -13.18 18.23
CE1 TYS C 11 -1.82 -15.28 16.34
CE2 TYS C 11 -2.83 -13.67 17.89
CZ TYS C 11 -2.97 -14.73 16.96
OH TYS C 11 -4.20 -15.21 16.64
S TYS C 11 -4.98 -14.37 15.60
O1 TYS C 11 -4.31 -14.57 14.24
O2 TYS C 11 -6.23 -15.05 15.51
O3 TYS C 11 -4.93 -13.00 16.00
C TYS C 11 3.25 -13.68 18.72
O TYS C 11 3.96 -13.45 17.78
N LEU C 12 3.48 -13.43 20.00
CA LEU C 12 4.62 -12.78 20.63
C LEU C 12 4.29 -11.32 20.97
NA NA D . 13.78 17.69 -11.31
NA NA E . 1.45 18.13 -2.75
C21 49U F . 12.59 11.72 0.50
C5 49U F . 12.60 10.97 1.85
C14 49U F . 11.84 9.58 1.76
O32 49U F . 10.63 9.60 1.47
N1 49U F . 12.50 8.43 2.01
C1 49U F . 11.61 7.25 2.17
C7 49U F . 10.51 7.41 3.19
O22 49U F . 10.64 7.92 4.31
C2 49U F . 12.49 6.08 2.60
C3 49U F . 13.65 6.79 3.28
C4 49U F . 13.80 8.17 2.63
N23 49U F . 9.29 6.99 2.86
C24 49U F . 8.16 7.48 3.61
C25 49U F . 7.28 8.40 2.89
C30 49U F . 6.36 7.89 2.05
C29 49U F . 5.52 8.73 1.35
C28 49U F . 5.58 10.09 1.50
C9 49U F . 4.68 11.03 0.76
N46 49U F . 4.63 12.30 1.12
N47 49U F . 3.92 10.62 -0.24
C27 49U F . 6.53 10.61 2.37
C26 49U F . 7.39 9.77 3.07
C1 GOL G . 23.07 -4.40 5.06
O1 GOL G . 23.08 -4.73 6.47
C2 GOL G . 22.79 -5.68 4.26
O2 GOL G . 22.00 -6.61 5.04
C3 GOL G . 22.05 -5.39 2.92
O3 GOL G . 21.50 -6.63 2.40
#